data_1U2L
#
_entry.id   1U2L
#
_cell.length_a   52.857
_cell.length_b   52.764
_cell.length_c   55.995
_cell.angle_alpha   93.83
_cell.angle_beta   90.71
_cell.angle_gamma   103.27
#
_symmetry.space_group_name_H-M   'P 1'
#
loop_
_entity.id
_entity.type
_entity.pdbx_description
1 polymer 'Peroxidase/catalase HPI'
2 water water
#
_entity_poly.entity_id   1
_entity_poly.type   'polypeptide(L)'
_entity_poly.pdbx_seq_one_letter_code
;GSHMYIGPEVPKEDLIWQDPLPQPIYNPTEQDIIDLKFAIADSGLSVSELVSVAWASASTFRGGDKRGGANGARLALMPQ
RDWDVNAAAVRALPVLEKIQKESGKASLADIIVLAGVVGVEKAASAAGLSIHVPFAPGRVDARQDQTDIEMFELLEPIAD
GFRNYRARLDVSTTESLLIDKAQQLTLTAPEMTALVGGMRVLGANFDGSKNGVFTDRVGVLSNDFFVNLLDMRYEWKATD
ESKELFEGRDRETGEVKFTASRADLVFGSNSVLRAVAEVYASSDAHEKFVKDFVAAWVKVMNLDRFDLL
;
_entity_poly.pdbx_strand_id   A,B
#
# COMPACT_ATOMS: atom_id res chain seq x y z
N HIS A 3 8.85 10.12 -46.54
CA HIS A 3 8.57 10.27 -45.07
C HIS A 3 9.54 9.45 -44.20
N MET A 4 10.04 10.06 -43.13
CA MET A 4 11.13 9.44 -42.35
C MET A 4 10.71 9.04 -40.93
N TYR A 5 9.54 9.47 -40.51
CA TYR A 5 9.04 9.07 -39.20
C TYR A 5 10.03 9.44 -38.09
N ILE A 6 10.30 10.73 -37.92
CA ILE A 6 11.18 11.17 -36.85
C ILE A 6 10.44 12.12 -35.93
N GLY A 7 9.11 12.07 -36.00
CA GLY A 7 8.26 12.98 -35.25
C GLY A 7 8.07 12.55 -33.81
N PRO A 8 7.31 13.35 -33.07
CA PRO A 8 7.09 13.11 -31.64
C PRO A 8 6.28 11.84 -31.46
N GLU A 9 6.58 11.10 -30.41
CA GLU A 9 5.83 9.89 -30.06
C GLU A 9 4.37 10.22 -29.83
N VAL A 10 3.48 9.57 -30.58
CA VAL A 10 2.07 9.66 -30.29
C VAL A 10 1.84 9.45 -28.78
N PRO A 11 0.87 10.16 -28.23
CA PRO A 11 0.57 10.08 -26.79
C PRO A 11 -0.05 8.74 -26.42
N LYS A 12 0.19 8.29 -25.20
CA LYS A 12 -0.32 7.00 -24.75
C LYS A 12 -1.85 6.95 -24.77
N GLU A 13 -2.49 8.11 -24.70
CA GLU A 13 -3.95 8.18 -24.72
C GLU A 13 -4.52 7.79 -26.09
N ASP A 14 -3.66 7.71 -27.10
CA ASP A 14 -4.10 7.45 -28.46
C ASP A 14 -3.93 5.99 -28.87
N LEU A 15 -3.16 5.23 -28.10
CA LEU A 15 -2.87 3.85 -28.46
C LEU A 15 -4.13 3.02 -28.28
N ILE A 16 -4.42 2.15 -29.23
CA ILE A 16 -5.64 1.36 -29.21
C ILE A 16 -5.72 0.46 -27.98
N TRP A 17 -4.66 -0.31 -27.75
CA TRP A 17 -4.76 -1.38 -26.77
C TRP A 17 -3.52 -1.49 -25.89
N GLN A 18 -3.75 -1.79 -24.61
CA GLN A 18 -2.69 -2.07 -23.68
C GLN A 18 -3.26 -2.96 -22.60
N ASP A 19 -2.64 -4.09 -22.33
CA ASP A 19 -3.21 -5.00 -21.34
C ASP A 19 -3.45 -4.29 -19.99
N PRO A 20 -4.51 -4.68 -19.31
CA PRO A 20 -4.78 -4.13 -17.97
C PRO A 20 -3.72 -4.60 -16.97
N LEU A 21 -3.11 -3.67 -16.25
CA LEU A 21 -2.29 -4.04 -15.11
C LEU A 21 -3.20 -4.52 -13.98
N PRO A 22 -2.79 -5.58 -13.29
CA PRO A 22 -3.58 -6.18 -12.22
C PRO A 22 -3.76 -5.19 -11.06
N GLN A 23 -2.81 -4.29 -10.88
CA GLN A 23 -3.03 -3.07 -10.10
C GLN A 23 -2.54 -1.86 -10.88
N PRO A 24 -3.46 -1.15 -11.51
CA PRO A 24 -3.11 -0.04 -12.39
C PRO A 24 -2.58 1.14 -11.59
N ILE A 25 -1.56 1.81 -12.12
CA ILE A 25 -1.28 3.18 -11.74
C ILE A 25 -2.33 4.05 -12.38
N TYR A 26 -2.90 4.97 -11.60
CA TYR A 26 -3.91 5.88 -12.13
C TYR A 26 -3.30 7.24 -12.37
N ASN A 27 -3.86 7.98 -13.32
CA ASN A 27 -3.42 9.33 -13.58
C ASN A 27 -4.55 10.16 -14.23
N PRO A 28 -5.64 10.32 -13.48
CA PRO A 28 -6.88 10.90 -14.02
C PRO A 28 -6.65 12.27 -14.65
N THR A 29 -7.26 12.48 -15.81
CA THR A 29 -7.20 13.75 -16.49
C THR A 29 -8.32 14.61 -15.94
N GLU A 30 -8.23 15.91 -16.15
CA GLU A 30 -9.30 16.84 -15.77
C GLU A 30 -10.66 16.36 -16.30
N GLN A 31 -10.67 15.85 -17.53
CA GLN A 31 -11.89 15.28 -18.11
C GLN A 31 -12.30 13.97 -17.42
N ASP A 32 -11.31 13.18 -17.01
CA ASP A 32 -11.59 11.99 -16.20
C ASP A 32 -12.31 12.37 -14.91
N ILE A 33 -11.82 13.40 -14.23
CA ILE A 33 -12.42 13.83 -12.99
C ILE A 33 -13.83 14.35 -13.23
N ILE A 34 -14.02 15.17 -14.27
CA ILE A 34 -15.37 15.67 -14.59
C ILE A 34 -16.38 14.55 -14.84
N ASP A 35 -15.98 13.52 -15.57
CA ASP A 35 -16.86 12.38 -15.85
C ASP A 35 -17.26 11.68 -14.56
N LEU A 36 -16.30 11.54 -13.65
CA LEU A 36 -16.55 10.82 -12.42
C LEU A 36 -17.56 11.56 -11.57
N LYS A 37 -17.41 12.89 -11.57
CA LYS A 37 -18.34 13.79 -10.88
C LYS A 37 -19.79 13.62 -11.35
N PHE A 38 -19.99 13.55 -12.66
CA PHE A 38 -21.33 13.35 -13.19
C PHE A 38 -21.84 11.98 -12.79
N ALA A 39 -20.98 10.97 -12.87
CA ALA A 39 -21.38 9.64 -12.48
C ALA A 39 -21.85 9.62 -11.02
N ILE A 40 -21.15 10.36 -10.17
CA ILE A 40 -21.45 10.38 -8.74
C ILE A 40 -22.75 11.14 -8.46
N ALA A 41 -22.88 12.29 -9.11
CA ALA A 41 -24.06 13.13 -8.96
C ALA A 41 -25.34 12.44 -9.43
N ASP A 42 -25.20 11.46 -10.34
CA ASP A 42 -26.35 10.80 -10.92
C ASP A 42 -26.51 9.40 -10.35
N SER A 43 -25.73 9.10 -9.32
CA SER A 43 -25.71 7.81 -8.66
C SER A 43 -26.95 7.64 -7.81
N GLY A 44 -27.57 8.78 -7.46
CA GLY A 44 -28.70 8.78 -6.56
C GLY A 44 -28.32 8.77 -5.09
N LEU A 45 -27.02 8.82 -4.80
CA LEU A 45 -26.53 9.17 -3.46
C LEU A 45 -26.97 10.57 -3.06
N SER A 46 -27.37 10.72 -1.81
CA SER A 46 -27.78 12.02 -1.31
C SER A 46 -26.60 12.85 -0.81
N VAL A 47 -26.82 14.16 -0.63
CA VAL A 47 -25.80 15.00 -0.04
C VAL A 47 -25.27 14.34 1.23
N SER A 48 -26.18 13.96 2.11
CA SER A 48 -25.80 13.49 3.42
C SER A 48 -24.88 12.27 3.31
N GLU A 49 -25.19 11.39 2.35
CA GLU A 49 -24.42 10.16 2.14
C GLU A 49 -23.06 10.48 1.53
N LEU A 50 -23.05 11.35 0.52
CA LEU A 50 -21.81 11.79 -0.09
C LEU A 50 -20.89 12.43 0.96
N VAL A 51 -21.41 13.37 1.72
CA VAL A 51 -20.67 13.96 2.84
C VAL A 51 -20.23 12.91 3.88
N SER A 52 -21.14 12.00 4.25
CA SER A 52 -20.83 10.96 5.25
C SER A 52 -19.66 10.05 4.85
N VAL A 53 -19.69 9.51 3.64
CA VAL A 53 -18.65 8.59 3.20
C VAL A 53 -17.29 9.29 3.10
N ALA A 54 -17.30 10.56 2.67
CA ALA A 54 -16.06 11.31 2.59
C ALA A 54 -15.45 11.54 3.98
N TRP A 55 -16.29 11.95 4.92
CA TRP A 55 -15.81 12.24 6.26
C TRP A 55 -15.25 10.99 6.90
N ALA A 56 -16.00 9.91 6.80
CA ALA A 56 -15.62 8.65 7.43
C ALA A 56 -14.22 8.22 6.98
N SER A 57 -13.92 8.40 5.71
CA SER A 57 -12.61 7.98 5.20
C SER A 57 -11.47 8.86 5.73
N ALA A 58 -11.75 10.15 5.87
CA ALA A 58 -10.69 11.14 6.12
C ALA A 58 -10.44 11.39 7.61
N SER A 59 -11.45 11.09 8.42
CA SER A 59 -11.48 11.53 9.81
C SER A 59 -10.59 10.69 10.72
N THR A 60 -9.91 9.69 10.17
CA THR A 60 -9.04 8.87 11.01
C THR A 60 -7.64 9.45 11.20
N PHE A 61 -7.36 10.61 10.58
CA PHE A 61 -6.00 11.16 10.61
C PHE A 61 -5.62 11.53 12.03
N ARG A 62 -4.36 11.29 12.37
CA ARG A 62 -3.77 11.63 13.66
C ARG A 62 -2.57 12.52 13.40
N GLY A 63 -2.66 13.80 13.73
CA GLY A 63 -1.57 14.72 13.49
C GLY A 63 -0.32 14.40 14.32
N GLY A 64 -0.53 13.77 15.48
CA GLY A 64 0.57 13.44 16.38
C GLY A 64 1.68 12.60 15.75
N ASP A 65 1.29 11.63 14.92
CA ASP A 65 2.24 10.72 14.28
C ASP A 65 2.01 10.63 12.76
N LYS A 66 1.02 11.34 12.25
CA LYS A 66 0.80 11.46 10.80
C LYS A 66 0.25 10.20 10.10
N ARG A 67 -0.41 9.32 10.85
CA ARG A 67 -1.07 8.16 10.27
C ARG A 67 -2.55 8.44 10.09
N GLY A 68 -3.21 7.60 9.27
CA GLY A 68 -4.63 7.75 9.04
C GLY A 68 -4.91 8.66 7.86
N GLY A 69 -6.18 8.99 7.66
CA GLY A 69 -6.59 9.79 6.52
C GLY A 69 -7.12 8.98 5.35
N ALA A 70 -7.47 9.67 4.29
CA ALA A 70 -8.25 9.10 3.20
C ALA A 70 -7.44 8.27 2.21
N ASN A 71 -6.12 8.41 2.22
CA ASN A 71 -5.30 7.63 1.29
C ASN A 71 -5.27 6.15 1.65
N GLY A 72 -5.44 5.28 0.67
CA GLY A 72 -5.46 3.85 0.91
C GLY A 72 -6.86 3.25 1.03
N ALA A 73 -7.86 4.09 1.28
CA ALA A 73 -9.25 3.64 1.32
C ALA A 73 -9.50 2.49 2.30
N ARG A 74 -9.00 2.63 3.52
CA ARG A 74 -9.22 1.66 4.58
C ARG A 74 -10.67 1.52 5.03
N LEU A 75 -11.51 2.49 4.68
CA LEU A 75 -12.93 2.44 5.00
C LEU A 75 -13.56 1.25 4.29
N ALA A 76 -12.98 0.84 3.17
CA ALA A 76 -13.51 -0.28 2.41
C ALA A 76 -13.00 -1.62 2.93
N LEU A 77 -12.04 -1.56 3.85
CA LEU A 77 -11.43 -2.75 4.44
C LEU A 77 -11.82 -2.90 5.91
N MET A 78 -11.49 -4.05 6.51
CA MET A 78 -11.70 -4.28 7.94
C MET A 78 -10.50 -3.76 8.71
N PRO A 79 -10.72 -3.21 9.91
CA PRO A 79 -12.01 -3.24 10.61
C PRO A 79 -12.91 -2.02 10.39
N GLN A 80 -12.41 -0.98 9.72
CA GLN A 80 -13.10 0.30 9.62
C GLN A 80 -14.49 0.15 8.99
N ARG A 81 -14.59 -0.72 7.98
CA ARG A 81 -15.86 -0.91 7.28
C ARG A 81 -16.97 -1.32 8.22
N ASP A 82 -16.59 -1.90 9.36
CA ASP A 82 -17.56 -2.44 10.29
C ASP A 82 -17.81 -1.58 11.53
N TRP A 83 -17.00 -0.55 11.73
CA TRP A 83 -17.21 0.34 12.87
C TRP A 83 -18.63 0.87 12.91
N ASP A 84 -19.25 0.84 14.09
CA ASP A 84 -20.58 1.40 14.32
C ASP A 84 -20.75 2.77 13.70
N VAL A 85 -19.82 3.67 14.02
CA VAL A 85 -19.91 5.05 13.55
C VAL A 85 -19.96 5.16 12.02
N ASN A 86 -19.41 4.16 11.31
CA ASN A 86 -19.34 4.24 9.84
C ASN A 86 -20.53 3.61 9.14
N ALA A 87 -21.55 3.22 9.90
CA ALA A 87 -22.64 2.41 9.35
C ALA A 87 -23.35 3.12 8.21
N ALA A 88 -23.63 4.41 8.40
CA ALA A 88 -24.23 5.24 7.37
C ALA A 88 -23.31 5.40 6.17
N ALA A 89 -22.06 5.79 6.41
CA ALA A 89 -21.08 5.91 5.34
C ALA A 89 -20.98 4.63 4.48
N VAL A 90 -20.99 3.48 5.13
CA VAL A 90 -20.61 2.26 4.43
C VAL A 90 -21.70 1.76 3.48
N ARG A 91 -22.93 2.25 3.67
CA ARG A 91 -24.02 1.92 2.77
C ARG A 91 -23.95 2.72 1.47
N ALA A 92 -22.89 3.50 1.29
CA ALA A 92 -22.76 4.27 0.06
C ALA A 92 -21.58 3.75 -0.76
N LEU A 93 -20.77 2.91 -0.13
CA LEU A 93 -19.54 2.45 -0.71
C LEU A 93 -19.77 1.63 -1.97
N PRO A 94 -20.69 0.68 -1.90
CA PRO A 94 -20.95 -0.22 -3.02
C PRO A 94 -21.21 0.52 -4.33
N VAL A 95 -21.78 1.72 -4.26
CA VAL A 95 -22.06 2.52 -5.45
C VAL A 95 -20.80 3.19 -6.02
N LEU A 96 -19.90 3.59 -5.13
CA LEU A 96 -18.63 4.16 -5.57
C LEU A 96 -17.73 3.05 -6.07
N GLU A 97 -17.78 1.90 -5.39
CA GLU A 97 -17.07 0.71 -5.83
C GLU A 97 -17.44 0.35 -7.27
N LYS A 98 -18.73 0.31 -7.58
CA LYS A 98 -19.14 0.06 -8.97
C LYS A 98 -18.66 1.18 -9.91
N ILE A 99 -18.87 2.43 -9.50
CA ILE A 99 -18.40 3.55 -10.31
C ILE A 99 -16.90 3.45 -10.58
N GLN A 100 -16.13 3.04 -9.58
CA GLN A 100 -14.68 2.94 -9.75
C GLN A 100 -14.30 1.88 -10.77
N LYS A 101 -15.02 0.76 -10.76
CA LYS A 101 -14.76 -0.35 -11.66
C LYS A 101 -15.14 0.01 -13.09
N GLU A 102 -16.35 0.49 -13.29
CA GLU A 102 -16.77 0.90 -14.63
C GLU A 102 -15.78 1.89 -15.24
N SER A 103 -15.20 2.74 -14.40
CA SER A 103 -14.35 3.82 -14.89
C SER A 103 -12.92 3.33 -15.10
N GLY A 104 -12.33 2.78 -14.04
CA GLY A 104 -10.94 2.41 -14.06
C GLY A 104 -9.99 3.57 -14.30
N LYS A 105 -10.49 4.80 -14.09
CA LYS A 105 -9.65 5.97 -14.28
C LYS A 105 -9.02 6.46 -12.98
N ALA A 106 -9.64 6.11 -11.85
CA ALA A 106 -9.12 6.54 -10.55
C ALA A 106 -9.26 5.47 -9.44
N SER A 107 -8.44 5.60 -8.39
CA SER A 107 -8.53 4.72 -7.24
C SER A 107 -9.87 4.91 -6.56
N LEU A 108 -10.27 3.91 -5.78
CA LEU A 108 -11.43 4.03 -4.92
C LEU A 108 -11.15 5.07 -3.84
N ALA A 109 -9.90 5.15 -3.41
CA ALA A 109 -9.48 6.18 -2.46
C ALA A 109 -9.82 7.58 -2.96
N ASP A 110 -9.47 7.87 -4.22
CA ASP A 110 -9.78 9.17 -4.85
C ASP A 110 -11.29 9.37 -5.02
N ILE A 111 -11.98 8.31 -5.39
CA ILE A 111 -13.39 8.39 -5.67
C ILE A 111 -14.20 8.73 -4.40
N ILE A 112 -13.83 8.13 -3.28
CA ILE A 112 -14.44 8.45 -2.00
C ILE A 112 -14.39 9.94 -1.66
N VAL A 113 -13.24 10.56 -1.90
CA VAL A 113 -13.07 11.99 -1.64
C VAL A 113 -13.73 12.86 -2.70
N LEU A 114 -13.70 12.40 -3.95
CA LEU A 114 -14.50 13.04 -4.98
C LEU A 114 -15.99 13.08 -4.62
N ALA A 115 -16.48 12.00 -4.01
CA ALA A 115 -17.87 11.95 -3.58
C ALA A 115 -18.19 13.07 -2.58
N GLY A 116 -17.26 13.29 -1.65
CA GLY A 116 -17.40 14.38 -0.69
C GLY A 116 -17.38 15.74 -1.37
N VAL A 117 -16.57 15.86 -2.42
CA VAL A 117 -16.49 17.08 -3.21
C VAL A 117 -17.83 17.37 -3.90
N VAL A 118 -18.42 16.33 -4.49
CA VAL A 118 -19.69 16.47 -5.17
C VAL A 118 -20.80 16.84 -4.18
N GLY A 119 -20.73 16.24 -3.00
CA GLY A 119 -21.69 16.50 -1.94
C GLY A 119 -21.66 17.94 -1.49
N VAL A 120 -20.45 18.46 -1.25
CA VAL A 120 -20.34 19.83 -0.79
C VAL A 120 -20.74 20.81 -1.87
N GLU A 121 -20.47 20.47 -3.12
CA GLU A 121 -20.84 21.33 -4.25
C GLU A 121 -22.36 21.43 -4.41
N LYS A 122 -23.06 20.30 -4.28
CA LYS A 122 -24.51 20.24 -4.41
C LYS A 122 -25.17 20.99 -3.27
N ALA A 123 -24.66 20.80 -2.06
CA ALA A 123 -25.17 21.48 -0.88
C ALA A 123 -24.97 22.98 -1.04
N ALA A 124 -23.93 23.35 -1.75
CA ALA A 124 -23.64 24.76 -1.98
C ALA A 124 -24.61 25.35 -2.99
N SER A 125 -24.86 24.65 -4.09
CA SER A 125 -25.79 25.17 -5.10
C SER A 125 -27.21 25.23 -4.53
N ALA A 126 -27.57 24.26 -3.71
CA ALA A 126 -28.86 24.30 -3.03
C ALA A 126 -28.99 25.55 -2.16
N ALA A 127 -27.87 26.13 -1.74
CA ALA A 127 -27.92 27.37 -0.96
C ALA A 127 -27.67 28.58 -1.82
N GLY A 128 -27.73 28.41 -3.13
CA GLY A 128 -27.74 29.54 -4.04
C GLY A 128 -26.35 29.99 -4.42
N LEU A 129 -25.36 29.13 -4.19
CA LEU A 129 -23.97 29.48 -4.50
C LEU A 129 -23.31 28.45 -5.39
N SER A 130 -22.71 28.92 -6.47
CA SER A 130 -21.76 28.11 -7.21
C SER A 130 -20.35 28.33 -6.65
N ILE A 131 -19.73 27.24 -6.18
CA ILE A 131 -18.36 27.30 -5.69
C ILE A 131 -17.61 26.08 -6.21
N HIS A 132 -16.32 26.27 -6.48
CA HIS A 132 -15.48 25.14 -6.86
C HIS A 132 -14.80 24.57 -5.62
N VAL A 133 -15.01 23.28 -5.37
CA VAL A 133 -14.34 22.63 -4.24
C VAL A 133 -13.07 21.97 -4.75
N PRO A 134 -11.91 22.42 -4.27
CA PRO A 134 -10.62 21.93 -4.77
C PRO A 134 -10.46 20.43 -4.58
N PHE A 135 -9.90 19.76 -5.57
CA PHE A 135 -9.68 18.32 -5.46
C PHE A 135 -8.35 17.96 -6.07
N ALA A 136 -7.54 17.23 -5.32
CA ALA A 136 -6.28 16.71 -5.84
C ALA A 136 -6.31 15.19 -5.93
N PRO A 137 -6.20 14.65 -7.14
CA PRO A 137 -6.04 13.20 -7.36
C PRO A 137 -4.68 12.69 -6.90
N GLY A 138 -4.53 11.36 -6.87
CA GLY A 138 -3.26 10.74 -6.54
C GLY A 138 -3.27 9.68 -5.44
N ARG A 139 -4.38 9.57 -4.71
CA ARG A 139 -4.48 8.56 -3.68
C ARG A 139 -4.48 7.16 -4.30
N VAL A 140 -4.04 6.19 -3.52
CA VAL A 140 -4.07 4.80 -3.93
C VAL A 140 -4.92 3.94 -2.98
N ASP A 141 -5.39 2.81 -3.49
CA ASP A 141 -6.09 1.82 -2.69
C ASP A 141 -5.13 0.84 -2.01
N ALA A 142 -5.28 0.69 -0.70
CA ALA A 142 -4.58 -0.34 0.04
C ALA A 142 -5.44 -1.61 0.02
N ARG A 143 -4.80 -2.77 -0.01
CA ARG A 143 -5.56 -4.00 0.12
C ARG A 143 -5.51 -4.55 1.55
N GLN A 144 -6.33 -5.56 1.82
CA GLN A 144 -6.56 -6.00 3.18
C GLN A 144 -5.26 -6.46 3.88
N ASP A 145 -4.43 -7.21 3.15
CA ASP A 145 -3.22 -7.77 3.74
C ASP A 145 -2.18 -6.69 4.04
N GLN A 146 -2.05 -5.73 3.11
CA GLN A 146 -1.14 -4.61 3.30
C GLN A 146 -1.51 -3.84 4.56
N THR A 147 -2.81 -3.81 4.84
CA THR A 147 -3.38 -3.12 5.98
C THR A 147 -3.11 -3.89 7.29
N ASP A 148 -3.14 -5.22 7.19
CA ASP A 148 -3.06 -6.10 8.35
C ASP A 148 -1.63 -6.19 8.91
N ILE A 149 -0.64 -5.95 8.06
CA ILE A 149 0.76 -6.13 8.43
C ILE A 149 1.30 -4.88 9.10
N GLU A 150 0.60 -3.76 8.93
CA GLU A 150 1.14 -2.47 9.32
C GLU A 150 1.44 -2.42 10.82
N MET A 151 2.58 -1.84 11.18
CA MET A 151 3.03 -1.82 12.56
C MET A 151 2.59 -0.53 13.25
N PHE A 152 1.48 0.03 12.81
CA PHE A 152 0.86 1.12 13.55
C PHE A 152 -0.61 0.77 13.78
N GLU A 153 -1.25 1.46 14.72
CA GLU A 153 -2.62 1.11 15.07
C GLU A 153 -3.53 2.33 15.05
N LEU A 154 -4.63 2.22 14.33
CA LEU A 154 -5.65 3.25 14.27
C LEU A 154 -6.82 2.85 15.17
N LEU A 155 -7.16 3.71 16.12
CA LEU A 155 -8.14 3.40 17.15
C LEU A 155 -9.59 3.67 16.70
N GLU A 156 -10.45 2.67 16.81
CA GLU A 156 -11.88 2.91 16.63
C GLU A 156 -12.29 4.01 17.59
N PRO A 157 -12.96 5.03 17.09
CA PRO A 157 -13.15 6.26 17.84
C PRO A 157 -14.20 6.09 18.95
N ILE A 158 -13.82 6.50 20.14
CA ILE A 158 -14.74 6.53 21.28
C ILE A 158 -15.79 7.60 21.05
N ALA A 159 -15.43 8.59 20.24
CA ALA A 159 -16.35 9.67 19.91
C ALA A 159 -15.91 10.42 18.66
N ASP A 160 -16.90 10.98 17.95
CA ASP A 160 -16.65 11.88 16.84
C ASP A 160 -17.76 12.92 16.85
N GLY A 161 -17.46 14.10 17.40
CA GLY A 161 -18.44 15.15 17.60
C GLY A 161 -18.95 15.71 16.30
N PHE A 162 -18.22 15.47 15.22
CA PHE A 162 -18.59 16.02 13.94
C PHE A 162 -19.77 15.27 13.35
N ARG A 163 -20.02 14.06 13.85
CA ARG A 163 -21.16 13.27 13.43
C ARG A 163 -22.03 12.97 14.65
N ASN A 164 -21.82 13.75 15.71
CA ASN A 164 -22.60 13.61 16.93
C ASN A 164 -22.64 12.16 17.39
N TYR A 165 -21.47 11.53 17.36
CA TYR A 165 -21.32 10.15 17.81
C TYR A 165 -20.56 10.06 19.14
N ARG A 166 -21.16 9.34 20.08
CA ARG A 166 -20.56 9.17 21.39
C ARG A 166 -20.80 7.72 21.80
N ALA A 167 -19.72 6.95 21.90
CA ALA A 167 -19.84 5.49 21.99
C ALA A 167 -20.53 5.07 23.27
N ARG A 168 -20.00 5.51 24.40
CA ARG A 168 -20.64 5.29 25.69
C ARG A 168 -20.30 6.46 26.60
N LEU A 169 -21.13 6.69 27.61
CA LEU A 169 -20.82 7.69 28.63
C LEU A 169 -19.90 7.09 29.68
N ASP A 170 -18.79 7.77 29.94
CA ASP A 170 -17.85 7.33 30.96
C ASP A 170 -17.36 8.51 31.79
N VAL A 171 -17.97 9.67 31.59
CA VAL A 171 -17.72 10.83 32.46
C VAL A 171 -16.50 11.66 32.02
N SER A 172 -15.82 11.21 30.98
CA SER A 172 -15.16 12.14 30.06
C SER A 172 -16.25 12.91 29.33
N THR A 173 -16.18 14.24 29.28
CA THR A 173 -17.26 14.99 28.68
C THR A 173 -17.24 14.90 27.17
N THR A 174 -18.42 14.92 26.59
CA THR A 174 -18.60 14.97 25.16
C THR A 174 -17.87 16.16 24.50
N GLU A 175 -17.98 17.34 25.08
CA GLU A 175 -17.26 18.51 24.55
C GLU A 175 -15.72 18.35 24.53
N SER A 176 -15.15 17.70 25.53
CA SER A 176 -13.70 17.54 25.58
C SER A 176 -13.27 16.50 24.56
N LEU A 177 -14.13 15.49 24.34
CA LEU A 177 -13.88 14.48 23.31
C LEU A 177 -13.93 15.05 21.89
N LEU A 178 -14.76 16.07 21.69
CA LEU A 178 -14.85 16.75 20.41
C LEU A 178 -13.58 17.54 20.13
N ILE A 179 -13.10 18.25 21.15
CA ILE A 179 -11.83 18.99 21.10
C ILE A 179 -10.65 18.07 20.81
N ASP A 180 -10.66 16.89 21.42
CA ASP A 180 -9.66 15.86 21.18
C ASP A 180 -9.65 15.39 19.73
N LYS A 181 -10.83 15.05 19.21
CA LYS A 181 -10.93 14.70 17.80
C LYS A 181 -10.40 15.84 16.94
N ALA A 182 -10.86 17.04 17.24
CA ALA A 182 -10.52 18.18 16.41
C ALA A 182 -9.00 18.38 16.38
N GLN A 183 -8.35 18.37 17.54
CA GLN A 183 -6.90 18.52 17.57
C GLN A 183 -6.16 17.35 16.90
N GLN A 184 -6.72 16.15 16.97
CA GLN A 184 -6.15 15.03 16.21
C GLN A 184 -6.09 15.38 14.73
N LEU A 185 -7.14 16.05 14.24
CA LEU A 185 -7.21 16.50 12.84
C LEU A 185 -6.48 17.84 12.61
N THR A 186 -5.83 18.34 13.65
CA THR A 186 -5.12 19.64 13.64
C THR A 186 -5.96 20.84 13.22
N LEU A 187 -7.27 20.78 13.46
CA LEU A 187 -8.14 21.90 13.14
C LEU A 187 -7.97 23.06 14.15
N THR A 188 -8.12 24.30 13.69
CA THR A 188 -8.24 25.43 14.61
C THR A 188 -9.65 25.50 15.18
N ALA A 189 -9.86 26.33 16.19
CA ALA A 189 -11.18 26.46 16.77
C ALA A 189 -12.23 26.98 15.77
N PRO A 190 -11.89 28.00 14.98
CA PRO A 190 -12.75 28.44 13.87
C PRO A 190 -13.04 27.35 12.79
N GLU A 191 -12.04 26.58 12.38
CA GLU A 191 -12.31 25.56 11.39
C GLU A 191 -13.21 24.45 11.97
N MET A 192 -13.02 24.11 13.25
CA MET A 192 -13.85 23.12 13.91
C MET A 192 -15.28 23.63 13.92
N THR A 193 -15.41 24.94 14.16
CA THR A 193 -16.71 25.54 14.30
C THR A 193 -17.49 25.56 12.97
N ALA A 194 -16.79 25.81 11.86
CA ALA A 194 -17.44 25.81 10.56
C ALA A 194 -17.83 24.40 10.13
N LEU A 195 -16.95 23.43 10.40
CA LEU A 195 -17.24 22.03 10.07
C LEU A 195 -18.47 21.46 10.80
N VAL A 196 -18.56 21.67 12.11
CA VAL A 196 -19.72 21.23 12.89
C VAL A 196 -21.02 21.83 12.38
N GLY A 197 -21.08 23.16 12.31
CA GLY A 197 -22.24 23.84 11.74
C GLY A 197 -22.57 23.41 10.32
N GLY A 198 -21.56 23.31 9.47
CA GLY A 198 -21.77 22.81 8.12
C GLY A 198 -22.41 21.42 8.16
N MET A 199 -21.73 20.50 8.82
CA MET A 199 -22.02 19.08 8.72
C MET A 199 -23.34 18.76 9.41
N ARG A 200 -23.69 19.52 10.43
CA ARG A 200 -25.00 19.40 11.04
C ARG A 200 -26.11 19.58 10.01
N VAL A 201 -26.08 20.67 9.27
CA VAL A 201 -27.21 21.00 8.41
C VAL A 201 -27.16 20.15 7.16
N LEU A 202 -26.01 19.54 6.92
CA LEU A 202 -25.87 18.62 5.79
C LEU A 202 -26.46 17.23 6.08
N GLY A 203 -26.77 16.96 7.34
CA GLY A 203 -27.35 15.68 7.73
C GLY A 203 -26.30 14.59 7.86
N ALA A 204 -25.14 14.91 8.44
CA ALA A 204 -24.06 13.94 8.64
C ALA A 204 -23.98 13.29 10.03
N ASN A 205 -25.02 13.41 10.86
CA ASN A 205 -25.04 12.64 12.09
C ASN A 205 -25.01 11.14 11.79
N PHE A 206 -24.22 10.40 12.54
CA PHE A 206 -23.93 9.01 12.19
C PHE A 206 -25.20 8.18 12.02
N ASP A 207 -26.24 8.49 12.81
CA ASP A 207 -27.46 7.66 12.87
C ASP A 207 -28.71 8.41 12.41
N GLY A 208 -28.53 9.51 11.68
CA GLY A 208 -29.65 10.31 11.21
C GLY A 208 -30.42 11.09 12.27
N SER A 209 -29.90 11.17 13.49
CA SER A 209 -30.61 11.90 14.52
C SER A 209 -30.68 13.39 14.18
N LYS A 210 -31.62 14.09 14.82
CA LYS A 210 -31.88 15.50 14.56
C LYS A 210 -31.16 16.42 15.54
N ASN A 211 -30.42 15.82 16.48
CA ASN A 211 -29.65 16.58 17.44
C ASN A 211 -28.74 17.59 16.74
N GLY A 212 -28.92 18.86 17.04
CA GLY A 212 -28.05 19.90 16.53
C GLY A 212 -28.39 20.23 15.09
N VAL A 213 -29.42 19.60 14.56
CA VAL A 213 -29.74 19.83 13.16
C VAL A 213 -30.73 21.00 13.06
N PHE A 214 -30.20 22.20 13.31
CA PHE A 214 -31.02 23.38 13.54
C PHE A 214 -31.45 23.99 12.20
N THR A 215 -32.30 23.27 11.46
CA THR A 215 -32.68 23.73 10.12
C THR A 215 -33.87 22.95 9.58
N ASP A 216 -34.69 23.61 8.78
CA ASP A 216 -35.75 22.93 8.06
C ASP A 216 -35.32 22.55 6.64
N ARG A 217 -34.09 22.86 6.27
CA ARG A 217 -33.63 22.56 4.92
C ARG A 217 -32.34 21.73 4.92
N VAL A 218 -32.45 20.51 5.43
CA VAL A 218 -31.33 19.59 5.52
C VAL A 218 -30.76 19.38 4.14
N GLY A 219 -29.44 19.32 4.04
CA GLY A 219 -28.81 19.03 2.76
C GLY A 219 -28.45 20.30 2.01
N VAL A 220 -28.71 21.44 2.64
CA VAL A 220 -28.35 22.75 2.10
C VAL A 220 -27.28 23.40 2.94
N LEU A 221 -26.18 23.82 2.33
CA LEU A 221 -25.09 24.40 3.10
C LEU A 221 -25.37 25.86 3.47
N SER A 222 -26.33 26.08 4.37
CA SER A 222 -26.59 27.42 4.89
C SER A 222 -25.89 27.62 6.21
N ASN A 223 -26.12 28.78 6.82
CA ASN A 223 -25.65 29.09 8.16
C ASN A 223 -26.75 28.94 9.18
N ASP A 224 -27.79 28.18 8.84
CA ASP A 224 -28.89 27.90 9.75
C ASP A 224 -28.45 27.50 11.15
N PHE A 225 -27.45 26.61 11.25
CA PHE A 225 -27.03 26.08 12.54
C PHE A 225 -26.71 27.24 13.48
N PHE A 226 -25.93 28.17 12.95
CA PHE A 226 -25.45 29.29 13.72
C PHE A 226 -26.55 30.30 14.03
N VAL A 227 -27.45 30.54 13.07
CA VAL A 227 -28.54 31.50 13.28
C VAL A 227 -29.49 31.01 14.38
N ASN A 228 -29.81 29.72 14.37
CA ASN A 228 -30.77 29.18 15.34
C ASN A 228 -30.15 28.93 16.72
N LEU A 229 -28.88 28.54 16.77
CA LEU A 229 -28.16 28.36 18.03
C LEU A 229 -28.04 29.65 18.86
N LEU A 230 -27.85 30.79 18.22
CA LEU A 230 -27.65 32.04 18.96
C LEU A 230 -28.94 32.86 19.13
N ASP A 231 -30.00 32.41 18.47
CA ASP A 231 -31.31 33.07 18.55
C ASP A 231 -31.90 33.00 19.95
N MET A 232 -31.97 34.14 20.61
CA MET A 232 -32.48 34.21 21.97
C MET A 232 -33.98 33.87 22.09
N ARG A 233 -34.64 33.79 20.94
CA ARG A 233 -36.03 33.34 20.91
C ARG A 233 -36.18 31.99 21.59
N TYR A 234 -35.13 31.17 21.52
CA TYR A 234 -35.18 29.80 22.04
C TYR A 234 -34.54 29.69 23.42
N GLU A 235 -35.14 28.84 24.26
CA GLU A 235 -34.63 28.54 25.60
C GLU A 235 -34.27 27.05 25.69
N TRP A 236 -33.12 26.75 26.30
CA TRP A 236 -32.52 25.41 26.22
C TRP A 236 -32.51 24.70 27.57
N LYS A 237 -33.07 23.50 27.61
CA LYS A 237 -33.23 22.75 28.85
C LYS A 237 -32.74 21.32 28.71
N ALA A 238 -32.07 20.82 29.75
CA ALA A 238 -31.68 19.42 29.84
C ALA A 238 -32.93 18.55 29.95
N THR A 239 -32.86 17.34 29.41
CA THR A 239 -34.03 16.46 29.41
C THR A 239 -33.96 15.46 30.54
N ASP A 240 -32.86 15.51 31.29
CA ASP A 240 -32.66 14.58 32.39
C ASP A 240 -31.31 14.81 33.06
N GLU A 241 -30.97 13.92 33.99
CA GLU A 241 -29.90 14.16 34.93
C GLU A 241 -28.53 14.05 34.26
N SER A 242 -28.46 13.27 33.18
CA SER A 242 -27.20 13.11 32.45
C SER A 242 -26.70 14.45 31.91
N LYS A 243 -27.62 15.31 31.48
CA LYS A 243 -27.26 16.57 30.86
C LYS A 243 -26.46 16.28 29.59
N GLU A 244 -26.89 15.25 28.87
CA GLU A 244 -26.26 14.87 27.62
C GLU A 244 -27.15 15.29 26.46
N LEU A 245 -28.40 15.62 26.77
CA LEU A 245 -29.42 15.89 25.77
C LEU A 245 -30.26 17.12 26.15
N PHE A 246 -30.47 18.02 25.20
CA PHE A 246 -31.17 19.27 25.48
C PHE A 246 -32.29 19.52 24.51
N GLU A 247 -33.31 20.24 24.99
CA GLU A 247 -34.47 20.63 24.22
C GLU A 247 -34.52 22.13 24.11
N GLY A 248 -34.68 22.65 22.90
CA GLY A 248 -34.82 24.08 22.69
C GLY A 248 -36.25 24.44 22.37
N ARG A 249 -36.87 25.26 23.21
CA ARG A 249 -38.27 25.63 23.00
C ARG A 249 -38.46 27.10 22.64
N ASP A 250 -39.32 27.36 21.67
CA ASP A 250 -39.72 28.74 21.35
C ASP A 250 -40.30 29.44 22.58
N ARG A 251 -39.71 30.56 22.97
CA ARG A 251 -40.14 31.27 24.17
C ARG A 251 -41.49 31.94 23.96
N GLU A 252 -41.88 32.09 22.69
CA GLU A 252 -43.08 32.82 22.33
C GLU A 252 -44.31 31.91 22.29
N THR A 253 -44.12 30.66 21.88
CA THR A 253 -45.24 29.76 21.64
C THR A 253 -45.19 28.45 22.44
N GLY A 254 -44.07 28.21 23.12
CA GLY A 254 -43.92 27.03 23.97
C GLY A 254 -43.49 25.77 23.23
N GLU A 255 -43.64 25.78 21.90
CA GLU A 255 -43.36 24.60 21.09
C GLU A 255 -41.89 24.17 21.17
N VAL A 256 -41.66 22.86 21.23
CA VAL A 256 -40.31 22.30 21.18
C VAL A 256 -39.78 22.24 19.74
N LYS A 257 -38.76 23.04 19.47
CA LYS A 257 -38.34 23.22 18.09
C LYS A 257 -37.15 22.34 17.74
N PHE A 258 -36.24 22.18 18.70
CA PHE A 258 -34.94 21.58 18.45
C PHE A 258 -34.53 20.66 19.60
N THR A 259 -33.68 19.69 19.29
CA THR A 259 -32.95 18.97 20.32
C THR A 259 -31.46 19.08 20.03
N ALA A 260 -30.62 18.87 21.05
CA ALA A 260 -29.19 19.10 20.94
C ALA A 260 -28.42 18.27 21.94
N SER A 261 -27.18 17.92 21.59
CA SER A 261 -26.25 17.31 22.53
C SER A 261 -25.26 18.35 23.00
N ARG A 262 -24.33 17.93 23.87
CA ARG A 262 -23.35 18.82 24.46
C ARG A 262 -22.38 19.31 23.38
N ALA A 263 -22.16 18.47 22.38
CA ALA A 263 -21.31 18.79 21.24
C ALA A 263 -21.87 19.95 20.43
N ASP A 264 -23.20 20.10 20.41
CA ASP A 264 -23.82 21.18 19.65
C ASP A 264 -23.87 22.45 20.48
N LEU A 265 -24.17 22.31 21.76
CA LEU A 265 -24.42 23.47 22.60
C LEU A 265 -23.15 24.22 22.98
N VAL A 266 -22.00 23.54 23.00
CA VAL A 266 -20.77 24.20 23.41
C VAL A 266 -20.42 25.36 22.48
N PHE A 267 -20.88 25.31 21.24
CA PHE A 267 -20.60 26.37 20.29
C PHE A 267 -21.25 27.71 20.69
N GLY A 268 -22.29 27.64 21.51
CA GLY A 268 -22.86 28.83 22.09
C GLY A 268 -22.51 29.03 23.56
N SER A 269 -21.64 28.18 24.09
CA SER A 269 -21.45 28.15 25.54
C SER A 269 -19.98 28.24 25.94
N ASN A 270 -19.14 28.61 24.99
CA ASN A 270 -17.75 28.94 25.25
C ASN A 270 -17.45 30.25 24.51
N SER A 271 -16.77 31.17 25.19
CA SER A 271 -16.66 32.54 24.67
C SER A 271 -15.95 32.62 23.32
N VAL A 272 -14.82 31.96 23.20
CA VAL A 272 -14.13 31.94 21.91
C VAL A 272 -15.00 31.32 20.81
N LEU A 273 -15.53 30.11 21.04
CA LEU A 273 -16.35 29.48 20.01
C LEU A 273 -17.53 30.39 19.67
N ARG A 274 -18.14 30.98 20.68
CA ARG A 274 -19.32 31.83 20.47
C ARG A 274 -19.01 33.04 19.59
N ALA A 275 -17.88 33.69 19.83
CA ALA A 275 -17.40 34.77 18.97
C ALA A 275 -17.34 34.28 17.52
N VAL A 276 -16.86 33.06 17.31
CA VAL A 276 -16.83 32.55 15.95
C VAL A 276 -18.25 32.36 15.43
N ALA A 277 -19.10 31.80 16.28
CA ALA A 277 -20.44 31.45 15.86
C ALA A 277 -21.17 32.73 15.47
N GLU A 278 -20.88 33.81 16.19
CA GLU A 278 -21.67 35.03 16.00
C GLU A 278 -21.24 35.72 14.70
N VAL A 279 -20.00 35.50 14.28
CA VAL A 279 -19.64 35.93 12.94
C VAL A 279 -20.44 35.19 11.87
N TYR A 280 -20.50 33.87 11.97
CA TYR A 280 -21.23 33.06 10.99
C TYR A 280 -22.73 33.28 11.04
N ALA A 281 -23.23 33.74 12.18
CA ALA A 281 -24.66 33.99 12.32
C ALA A 281 -25.05 35.28 11.60
N SER A 282 -24.06 36.14 11.38
CA SER A 282 -24.31 37.52 11.00
C SER A 282 -25.18 37.54 9.77
N SER A 283 -26.03 38.55 9.66
CA SER A 283 -26.68 38.82 8.39
C SER A 283 -25.59 39.04 7.35
N ASP A 284 -25.73 38.41 6.19
CA ASP A 284 -24.75 38.64 5.13
C ASP A 284 -23.35 38.03 5.37
N ALA A 285 -23.25 37.08 6.28
CA ALA A 285 -22.01 36.30 6.41
C ALA A 285 -22.08 34.88 5.80
N HIS A 286 -23.07 34.62 4.95
CA HIS A 286 -23.30 33.29 4.41
C HIS A 286 -22.18 32.80 3.48
N GLU A 287 -21.73 33.69 2.61
CA GLU A 287 -20.66 33.36 1.67
C GLU A 287 -19.37 33.08 2.42
N LYS A 288 -19.02 33.98 3.33
CA LYS A 288 -17.90 33.77 4.23
C LYS A 288 -17.94 32.43 4.96
N PHE A 289 -19.11 32.02 5.45
CA PHE A 289 -19.21 30.73 6.10
C PHE A 289 -18.94 29.63 5.08
N VAL A 290 -19.53 29.74 3.90
CA VAL A 290 -19.37 28.68 2.92
C VAL A 290 -17.90 28.52 2.53
N LYS A 291 -17.18 29.64 2.40
CA LYS A 291 -15.77 29.63 2.03
C LYS A 291 -14.84 29.07 3.12
N ASP A 292 -15.17 29.33 4.38
CA ASP A 292 -14.47 28.70 5.50
C ASP A 292 -14.82 27.22 5.68
N PHE A 293 -16.07 26.84 5.45
CA PHE A 293 -16.41 25.41 5.47
C PHE A 293 -15.62 24.62 4.39
N VAL A 294 -15.59 25.17 3.18
CA VAL A 294 -14.88 24.55 2.09
C VAL A 294 -13.37 24.42 2.39
N ALA A 295 -12.74 25.51 2.79
CA ALA A 295 -11.32 25.47 3.13
C ALA A 295 -11.01 24.40 4.18
N ALA A 296 -11.76 24.43 5.28
CA ALA A 296 -11.70 23.44 6.34
C ALA A 296 -11.86 22.01 5.84
N TRP A 297 -12.85 21.82 4.99
CA TRP A 297 -13.18 20.51 4.47
C TRP A 297 -12.05 19.97 3.61
N VAL A 298 -11.56 20.82 2.71
CA VAL A 298 -10.44 20.47 1.84
C VAL A 298 -9.18 20.21 2.66
N LYS A 299 -8.85 21.14 3.56
CA LYS A 299 -7.81 20.86 4.56
C LYS A 299 -7.90 19.43 5.12
N VAL A 300 -9.07 19.05 5.63
CA VAL A 300 -9.21 17.73 6.26
C VAL A 300 -8.99 16.60 5.27
N MET A 301 -9.59 16.74 4.09
CA MET A 301 -9.42 15.83 2.98
C MET A 301 -7.95 15.65 2.54
N ASN A 302 -7.09 16.63 2.81
CA ASN A 302 -5.72 16.55 2.34
C ASN A 302 -4.68 16.32 3.45
N LEU A 303 -5.14 16.05 4.67
CA LEU A 303 -4.21 15.98 5.80
C LEU A 303 -3.01 15.09 5.53
N ASP A 304 -3.27 13.94 4.90
CA ASP A 304 -2.23 12.92 4.73
C ASP A 304 -1.46 12.98 3.41
N ARG A 305 -1.69 14.04 2.64
CA ARG A 305 -1.10 14.11 1.29
C ARG A 305 0.33 14.66 1.26
N PHE A 306 1.23 13.97 1.95
CA PHE A 306 2.65 14.29 1.93
C PHE A 306 3.31 14.08 0.56
N ASP A 307 2.65 13.35 -0.33
CA ASP A 307 3.13 13.22 -1.72
C ASP A 307 2.94 14.50 -2.53
N LEU A 308 2.04 15.37 -2.08
CA LEU A 308 1.87 16.67 -2.73
C LEU A 308 2.91 17.63 -2.17
N LEU A 309 3.87 17.06 -1.46
CA LEU A 309 5.10 17.77 -1.07
C LEU A 309 5.12 19.24 -1.45
N HIS B 3 25.42 -56.60 -45.47
CA HIS B 3 24.82 -55.58 -44.56
C HIS B 3 23.86 -54.69 -45.33
N MET B 4 22.68 -54.43 -44.76
CA MET B 4 21.60 -53.79 -45.51
C MET B 4 21.12 -52.44 -44.96
N TYR B 5 21.75 -51.96 -43.89
CA TYR B 5 21.53 -50.58 -43.40
C TYR B 5 20.06 -50.24 -43.11
N ILE B 6 19.37 -51.12 -42.39
CA ILE B 6 17.99 -50.87 -42.02
C ILE B 6 17.85 -50.61 -40.52
N GLY B 7 18.98 -50.50 -39.83
CA GLY B 7 19.00 -50.27 -38.39
C GLY B 7 18.54 -48.87 -37.99
N PRO B 8 18.45 -48.66 -36.69
CA PRO B 8 18.01 -47.39 -36.11
C PRO B 8 18.91 -46.21 -36.45
N GLU B 9 18.29 -45.07 -36.75
CA GLU B 9 19.01 -43.85 -37.11
C GLU B 9 19.92 -43.39 -35.98
N VAL B 10 21.15 -43.01 -36.32
CA VAL B 10 22.08 -42.44 -35.35
C VAL B 10 21.51 -41.16 -34.75
N PRO B 11 21.53 -41.05 -33.43
CA PRO B 11 20.93 -39.89 -32.75
C PRO B 11 21.72 -38.61 -33.05
N LYS B 12 21.01 -37.49 -33.11
CA LYS B 12 21.64 -36.22 -33.48
C LYS B 12 22.90 -35.92 -32.67
N GLU B 13 22.87 -36.24 -31.38
CA GLU B 13 23.99 -35.99 -30.48
C GLU B 13 25.32 -36.54 -31.02
N ASP B 14 25.25 -37.43 -32.00
CA ASP B 14 26.45 -38.16 -32.43
C ASP B 14 26.99 -37.69 -33.80
N LEU B 15 26.27 -36.78 -34.45
CA LEU B 15 26.62 -36.35 -35.80
C LEU B 15 27.77 -35.36 -35.74
N ILE B 16 28.64 -35.37 -36.74
CA ILE B 16 29.84 -34.54 -36.72
C ILE B 16 29.49 -33.06 -36.77
N TRP B 17 28.90 -32.64 -37.89
CA TRP B 17 28.66 -31.21 -38.12
C TRP B 17 27.18 -30.93 -38.39
N GLN B 18 26.64 -29.94 -37.69
CA GLN B 18 25.45 -29.20 -38.15
C GLN B 18 25.66 -27.70 -38.00
N ASP B 19 25.30 -26.94 -39.03
CA ASP B 19 25.42 -25.49 -38.99
C ASP B 19 24.67 -24.91 -37.80
N PRO B 20 25.28 -23.92 -37.15
CA PRO B 20 24.68 -23.28 -35.99
C PRO B 20 23.48 -22.42 -36.42
N LEU B 21 22.32 -22.62 -35.80
CA LEU B 21 21.19 -21.74 -36.04
C LEU B 21 21.49 -20.34 -35.49
N PRO B 22 20.97 -19.32 -36.17
CA PRO B 22 21.07 -17.95 -35.67
C PRO B 22 20.37 -17.82 -34.32
N GLN B 23 19.23 -18.48 -34.14
CA GLN B 23 18.65 -18.62 -32.81
C GLN B 23 18.41 -20.09 -32.47
N PRO B 24 19.33 -20.68 -31.72
CA PRO B 24 19.28 -22.11 -31.43
C PRO B 24 18.13 -22.49 -30.51
N ILE B 25 17.54 -23.64 -30.76
CA ILE B 25 16.74 -24.31 -29.76
C ILE B 25 17.68 -25.12 -28.88
N TYR B 26 17.60 -24.87 -27.58
CA TYR B 26 18.45 -25.56 -26.64
C TYR B 26 17.71 -26.77 -26.10
N ASN B 27 18.44 -27.85 -25.83
CA ASN B 27 17.89 -28.95 -25.07
C ASN B 27 18.97 -29.63 -24.24
N PRO B 28 19.37 -28.96 -23.16
CA PRO B 28 20.53 -29.39 -22.37
C PRO B 28 20.29 -30.73 -21.66
N THR B 29 21.21 -31.67 -21.86
CA THR B 29 21.22 -32.92 -21.15
C THR B 29 21.52 -32.73 -19.66
N GLU B 30 21.26 -33.76 -18.88
CA GLU B 30 21.60 -33.77 -17.46
C GLU B 30 23.09 -33.42 -17.29
N GLN B 31 23.90 -33.77 -18.28
CA GLN B 31 25.35 -33.56 -18.20
C GLN B 31 25.75 -32.14 -18.61
N ASP B 32 25.08 -31.60 -19.62
CA ASP B 32 25.25 -30.21 -20.03
C ASP B 32 25.15 -29.30 -18.79
N ILE B 33 24.19 -29.59 -17.94
CA ILE B 33 23.90 -28.73 -16.80
C ILE B 33 25.00 -28.85 -15.76
N ILE B 34 25.39 -30.08 -15.43
CA ILE B 34 26.51 -30.29 -14.53
C ILE B 34 27.72 -29.47 -14.99
N ASP B 35 28.05 -29.54 -16.28
CA ASP B 35 29.15 -28.76 -16.83
C ASP B 35 28.93 -27.29 -16.50
N LEU B 36 27.68 -26.84 -16.63
CA LEU B 36 27.38 -25.42 -16.51
C LEU B 36 27.46 -24.99 -15.06
N LYS B 37 26.97 -25.85 -14.17
CA LYS B 37 27.14 -25.61 -12.75
C LYS B 37 28.62 -25.47 -12.33
N PHE B 38 29.48 -26.31 -12.89
CA PHE B 38 30.92 -26.25 -12.61
C PHE B 38 31.56 -24.96 -13.12
N ALA B 39 31.21 -24.58 -14.34
CA ALA B 39 31.70 -23.34 -14.91
C ALA B 39 31.28 -22.14 -14.05
N ILE B 40 30.05 -22.17 -13.55
CA ILE B 40 29.54 -21.09 -12.71
C ILE B 40 30.18 -21.09 -11.31
N ALA B 41 30.34 -22.27 -10.73
CA ALA B 41 30.99 -22.40 -9.44
C ALA B 41 32.46 -21.94 -9.46
N ASP B 42 33.11 -22.04 -10.61
CA ASP B 42 34.51 -21.67 -10.72
C ASP B 42 34.70 -20.26 -11.27
N SER B 43 33.59 -19.57 -11.53
CA SER B 43 33.63 -18.30 -12.23
C SER B 43 34.21 -17.18 -11.37
N GLY B 44 34.33 -17.41 -10.07
CA GLY B 44 34.73 -16.39 -9.14
C GLY B 44 33.59 -15.50 -8.66
N LEU B 45 32.37 -15.77 -9.11
CA LEU B 45 31.19 -15.08 -8.59
C LEU B 45 30.91 -15.49 -7.14
N SER B 46 30.57 -14.53 -6.29
CA SER B 46 30.25 -14.84 -4.90
C SER B 46 28.82 -15.35 -4.73
N VAL B 47 28.58 -16.03 -3.61
CA VAL B 47 27.24 -16.40 -3.19
C VAL B 47 26.24 -15.23 -3.36
N SER B 48 26.59 -14.04 -2.87
CA SER B 48 25.65 -12.91 -2.88
C SER B 48 25.31 -12.43 -4.30
N GLU B 49 26.29 -12.48 -5.19
CA GLU B 49 26.11 -12.15 -6.60
C GLU B 49 25.25 -13.20 -7.32
N LEU B 50 25.52 -14.47 -7.08
CA LEU B 50 24.76 -15.53 -7.71
C LEU B 50 23.29 -15.46 -7.30
N VAL B 51 23.04 -15.45 -6.00
CA VAL B 51 21.68 -15.29 -5.49
C VAL B 51 21.06 -14.01 -6.05
N SER B 52 21.83 -12.91 -6.02
CA SER B 52 21.33 -11.61 -6.46
C SER B 52 20.82 -11.64 -7.89
N VAL B 53 21.65 -12.09 -8.83
CA VAL B 53 21.23 -12.07 -10.21
C VAL B 53 19.97 -12.93 -10.48
N ALA B 54 19.85 -14.06 -9.78
CA ALA B 54 18.70 -14.95 -10.00
C ALA B 54 17.38 -14.36 -9.47
N TRP B 55 17.46 -13.74 -8.28
CA TRP B 55 16.31 -13.01 -7.74
C TRP B 55 15.95 -11.82 -8.64
N ALA B 56 16.93 -11.03 -9.04
CA ALA B 56 16.63 -9.90 -9.90
C ALA B 56 15.85 -10.37 -11.13
N SER B 57 16.27 -11.47 -11.72
CA SER B 57 15.57 -11.95 -12.90
C SER B 57 14.15 -12.39 -12.60
N ALA B 58 13.96 -13.13 -11.51
CA ALA B 58 12.72 -13.85 -11.32
C ALA B 58 11.62 -12.99 -10.72
N SER B 59 12.00 -11.87 -10.15
CA SER B 59 11.17 -11.25 -9.12
C SER B 59 10.18 -10.24 -9.72
N THR B 60 10.21 -10.09 -11.04
CA THR B 60 9.25 -9.23 -11.72
C THR B 60 7.90 -9.90 -11.94
N PHE B 61 7.76 -11.16 -11.56
CA PHE B 61 6.51 -11.86 -11.82
C PHE B 61 5.34 -11.16 -11.12
N ARG B 62 4.20 -11.10 -11.80
CA ARG B 62 2.92 -10.69 -11.20
C ARG B 62 1.87 -11.77 -11.40
N GLY B 63 1.38 -12.33 -10.30
CA GLY B 63 0.38 -13.38 -10.37
C GLY B 63 -0.93 -12.86 -10.92
N GLY B 64 -1.14 -11.55 -10.78
CA GLY B 64 -2.35 -10.91 -11.29
C GLY B 64 -2.64 -11.16 -12.78
N ASP B 65 -1.67 -10.91 -13.64
CA ASP B 65 -1.84 -11.09 -15.08
C ASP B 65 -0.88 -12.15 -15.65
N LYS B 66 -0.14 -12.82 -14.76
CA LYS B 66 0.80 -13.87 -15.15
C LYS B 66 1.95 -13.41 -16.06
N ARG B 67 2.30 -12.12 -16.02
CA ARG B 67 3.47 -11.64 -16.75
C ARG B 67 4.71 -11.57 -15.87
N GLY B 68 5.85 -11.32 -16.51
CA GLY B 68 7.11 -11.15 -15.82
C GLY B 68 7.73 -12.48 -15.45
N GLY B 69 8.85 -12.43 -14.71
CA GLY B 69 9.58 -13.63 -14.34
C GLY B 69 10.87 -13.80 -15.12
N ALA B 70 11.54 -14.93 -14.89
CA ALA B 70 12.90 -15.14 -15.36
C ALA B 70 13.00 -15.60 -16.82
N ASN B 71 11.93 -16.19 -17.35
CA ASN B 71 11.94 -16.57 -18.76
C ASN B 71 11.99 -15.33 -19.63
N GLY B 72 12.87 -15.34 -20.63
CA GLY B 72 13.17 -14.17 -21.43
C GLY B 72 14.52 -13.52 -21.13
N ALA B 73 14.97 -13.64 -19.89
CA ALA B 73 16.19 -12.92 -19.50
C ALA B 73 16.09 -11.40 -19.74
N ARG B 74 14.93 -10.81 -19.47
CA ARG B 74 14.77 -9.37 -19.60
C ARG B 74 15.74 -8.56 -18.74
N LEU B 75 16.26 -9.18 -17.67
CA LEU B 75 17.30 -8.56 -16.85
C LEU B 75 18.44 -8.02 -17.71
N ALA B 76 18.77 -8.75 -18.77
CA ALA B 76 19.90 -8.42 -19.62
C ALA B 76 19.59 -7.27 -20.58
N LEU B 77 18.31 -6.95 -20.70
CA LEU B 77 17.84 -5.91 -21.62
C LEU B 77 17.37 -4.67 -20.88
N MET B 78 17.14 -3.60 -21.63
CA MET B 78 16.53 -2.38 -21.13
C MET B 78 15.00 -2.53 -21.10
N PRO B 79 14.34 -1.93 -20.11
CA PRO B 79 14.99 -1.08 -19.10
C PRO B 79 15.59 -1.83 -17.90
N GLN B 80 15.25 -3.10 -17.71
CA GLN B 80 15.50 -3.76 -16.42
C GLN B 80 16.97 -3.80 -16.03
N ARG B 81 17.84 -3.97 -17.01
CA ARG B 81 19.28 -4.01 -16.78
C ARG B 81 19.78 -2.82 -16.00
N ASP B 82 19.05 -1.71 -16.11
CA ASP B 82 19.54 -0.41 -15.62
C ASP B 82 18.79 0.04 -14.37
N TRP B 83 17.82 -0.75 -13.91
CA TRP B 83 17.11 -0.39 -12.70
C TRP B 83 18.08 -0.27 -11.53
N ASP B 84 17.89 0.77 -10.72
CA ASP B 84 18.74 1.01 -9.54
C ASP B 84 18.79 -0.22 -8.63
N VAL B 85 17.63 -0.86 -8.45
CA VAL B 85 17.58 -2.00 -7.55
C VAL B 85 18.40 -3.18 -8.07
N ASN B 86 18.71 -3.17 -9.37
CA ASN B 86 19.40 -4.29 -10.01
C ASN B 86 20.93 -4.11 -10.07
N ALA B 87 21.41 -2.98 -9.59
CA ALA B 87 22.82 -2.61 -9.78
C ALA B 87 23.78 -3.69 -9.34
N ALA B 88 23.45 -4.38 -8.26
CA ALA B 88 24.28 -5.47 -7.74
C ALA B 88 24.05 -6.80 -8.46
N ALA B 89 22.84 -7.04 -8.93
CA ALA B 89 22.54 -8.22 -9.74
C ALA B 89 23.34 -8.23 -11.06
N VAL B 90 23.45 -7.07 -11.69
CA VAL B 90 23.96 -7.01 -13.05
C VAL B 90 25.48 -7.13 -13.09
N ARG B 91 26.09 -7.22 -11.92
CA ARG B 91 27.54 -7.39 -11.80
C ARG B 91 27.96 -8.79 -12.27
N ALA B 92 26.99 -9.69 -12.34
CA ALA B 92 27.27 -11.08 -12.66
C ALA B 92 27.03 -11.40 -14.14
N LEU B 93 26.44 -10.47 -14.87
CA LEU B 93 25.88 -10.79 -16.18
C LEU B 93 26.97 -11.04 -17.21
N PRO B 94 27.94 -10.13 -17.25
CA PRO B 94 29.10 -10.30 -18.13
C PRO B 94 29.71 -11.70 -18.01
N VAL B 95 29.89 -12.20 -16.79
CA VAL B 95 30.49 -13.52 -16.61
C VAL B 95 29.53 -14.64 -17.01
N LEU B 96 28.23 -14.46 -16.80
CA LEU B 96 27.27 -15.47 -17.22
C LEU B 96 27.04 -15.44 -18.73
N GLU B 97 26.92 -14.23 -19.28
CA GLU B 97 26.91 -14.05 -20.73
C GLU B 97 28.11 -14.73 -21.40
N LYS B 98 29.28 -14.63 -20.77
CA LYS B 98 30.50 -15.25 -21.31
C LYS B 98 30.44 -16.78 -21.23
N ILE B 99 29.98 -17.28 -20.09
CA ILE B 99 29.75 -18.72 -19.93
C ILE B 99 28.67 -19.22 -20.90
N GLN B 100 27.65 -18.40 -21.14
CA GLN B 100 26.61 -18.84 -22.07
C GLN B 100 27.15 -19.08 -23.48
N LYS B 101 27.99 -18.16 -23.99
CA LYS B 101 28.38 -18.23 -25.39
C LYS B 101 29.51 -19.22 -25.65
N GLU B 102 30.26 -19.57 -24.62
CA GLU B 102 31.27 -20.61 -24.76
C GLU B 102 30.66 -22.00 -24.60
N SER B 103 29.45 -22.06 -24.06
CA SER B 103 28.78 -23.35 -23.84
C SER B 103 27.84 -23.70 -25.00
N GLY B 104 27.04 -22.73 -25.43
CA GLY B 104 26.11 -22.97 -26.52
C GLY B 104 25.01 -23.96 -26.21
N LYS B 105 24.97 -24.46 -24.98
CA LYS B 105 24.07 -25.56 -24.64
C LYS B 105 22.78 -25.10 -23.94
N ALA B 106 22.78 -23.90 -23.38
CA ALA B 106 21.55 -23.37 -22.78
C ALA B 106 21.42 -21.87 -22.96
N SER B 107 20.21 -21.36 -22.76
CA SER B 107 19.95 -19.94 -22.89
C SER B 107 20.54 -19.17 -21.71
N LEU B 108 20.79 -17.89 -21.91
CA LEU B 108 21.08 -16.98 -20.81
C LEU B 108 20.01 -17.07 -19.72
N ALA B 109 18.74 -17.06 -20.12
CA ALA B 109 17.65 -17.14 -19.14
C ALA B 109 17.84 -18.35 -18.22
N ASP B 110 18.18 -19.50 -18.80
CA ASP B 110 18.40 -20.72 -18.01
C ASP B 110 19.61 -20.58 -17.09
N ILE B 111 20.67 -20.01 -17.62
CA ILE B 111 21.92 -19.90 -16.88
C ILE B 111 21.80 -18.95 -15.69
N ILE B 112 20.99 -17.91 -15.83
CA ILE B 112 20.81 -16.95 -14.74
C ILE B 112 20.17 -17.65 -13.55
N VAL B 113 19.19 -18.51 -13.83
CA VAL B 113 18.53 -19.28 -12.78
C VAL B 113 19.45 -20.38 -12.25
N LEU B 114 20.21 -21.02 -13.14
CA LEU B 114 21.21 -21.98 -12.68
C LEU B 114 22.18 -21.34 -11.70
N ALA B 115 22.64 -20.13 -12.04
CA ALA B 115 23.53 -19.36 -11.17
C ALA B 115 22.98 -19.24 -9.74
N GLY B 116 21.68 -18.94 -9.63
CA GLY B 116 21.04 -18.85 -8.34
C GLY B 116 20.99 -20.20 -7.65
N VAL B 117 20.82 -21.27 -8.44
CA VAL B 117 20.90 -22.63 -7.93
C VAL B 117 22.28 -22.91 -7.35
N VAL B 118 23.31 -22.53 -8.10
CA VAL B 118 24.67 -22.79 -7.64
C VAL B 118 25.02 -22.00 -6.38
N GLY B 119 24.47 -20.79 -6.25
CA GLY B 119 24.69 -19.96 -5.08
C GLY B 119 24.06 -20.57 -3.83
N VAL B 120 22.82 -21.04 -3.97
CA VAL B 120 22.08 -21.57 -2.85
C VAL B 120 22.69 -22.87 -2.34
N GLU B 121 23.12 -23.72 -3.28
CA GLU B 121 23.77 -24.99 -2.98
C GLU B 121 25.10 -24.78 -2.27
N LYS B 122 25.88 -23.80 -2.71
CA LYS B 122 27.13 -23.45 -2.04
C LYS B 122 26.87 -22.91 -0.62
N ALA B 123 25.83 -22.10 -0.48
CA ALA B 123 25.51 -21.54 0.84
C ALA B 123 25.01 -22.63 1.79
N ALA B 124 24.29 -23.60 1.25
CA ALA B 124 23.85 -24.73 2.06
C ALA B 124 25.06 -25.61 2.40
N SER B 125 25.85 -25.92 1.38
CA SER B 125 27.05 -26.72 1.57
C SER B 125 27.93 -26.08 2.65
N ALA B 126 28.22 -24.78 2.51
CA ALA B 126 29.04 -24.07 3.49
C ALA B 126 28.45 -24.28 4.87
N ALA B 127 27.13 -24.38 4.94
CA ALA B 127 26.42 -24.50 6.20
C ALA B 127 26.51 -25.90 6.79
N GLY B 128 27.12 -26.82 6.05
CA GLY B 128 27.22 -28.19 6.49
C GLY B 128 26.13 -29.12 5.99
N LEU B 129 25.37 -28.68 4.98
CA LEU B 129 24.26 -29.48 4.46
C LEU B 129 24.43 -29.86 2.98
N SER B 130 24.38 -31.15 2.70
CA SER B 130 24.18 -31.63 1.33
C SER B 130 22.72 -31.41 0.92
N ILE B 131 22.51 -30.57 -0.08
CA ILE B 131 21.16 -30.27 -0.57
C ILE B 131 21.18 -30.05 -2.07
N HIS B 132 20.21 -30.65 -2.75
CA HIS B 132 20.05 -30.47 -4.18
C HIS B 132 18.90 -29.51 -4.43
N VAL B 133 19.16 -28.48 -5.23
CA VAL B 133 18.13 -27.51 -5.59
C VAL B 133 17.60 -27.88 -6.96
N PRO B 134 16.31 -28.22 -7.03
CA PRO B 134 15.67 -28.61 -8.29
C PRO B 134 15.88 -27.56 -9.38
N PHE B 135 16.35 -27.96 -10.56
CA PHE B 135 16.45 -27.03 -11.67
C PHE B 135 15.70 -27.54 -12.88
N ALA B 136 14.99 -26.63 -13.56
CA ALA B 136 14.20 -26.99 -14.74
C ALA B 136 14.57 -26.11 -15.92
N PRO B 137 15.27 -26.69 -16.90
CA PRO B 137 15.61 -25.98 -18.14
C PRO B 137 14.40 -25.79 -19.05
N GLY B 138 14.57 -25.01 -20.11
CA GLY B 138 13.51 -24.78 -21.08
C GLY B 138 13.27 -23.30 -21.34
N ARG B 139 13.82 -22.45 -20.48
CA ARG B 139 13.73 -21.00 -20.67
C ARG B 139 14.44 -20.59 -21.95
N VAL B 140 13.91 -19.58 -22.63
CA VAL B 140 14.54 -19.04 -23.83
C VAL B 140 14.82 -17.56 -23.63
N ASP B 141 15.66 -16.99 -24.48
CA ASP B 141 16.03 -15.58 -24.35
C ASP B 141 15.27 -14.68 -25.33
N ALA B 142 14.67 -13.63 -24.80
CA ALA B 142 14.02 -12.62 -25.63
C ALA B 142 15.07 -11.66 -26.14
N ARG B 143 14.73 -10.85 -27.14
CA ARG B 143 15.65 -9.80 -27.56
C ARG B 143 15.00 -8.44 -27.36
N GLN B 144 15.81 -7.41 -27.56
CA GLN B 144 15.42 -6.06 -27.17
C GLN B 144 14.15 -5.60 -27.90
N ASP B 145 14.09 -5.82 -29.21
CA ASP B 145 12.95 -5.36 -30.00
C ASP B 145 11.70 -6.17 -29.68
N GLN B 146 11.88 -7.47 -29.55
CA GLN B 146 10.79 -8.34 -29.14
C GLN B 146 10.12 -7.86 -27.86
N THR B 147 10.95 -7.40 -26.93
CA THR B 147 10.49 -6.83 -25.67
C THR B 147 9.89 -5.42 -25.80
N ASP B 148 10.45 -4.62 -26.70
CA ASP B 148 9.98 -3.25 -26.90
C ASP B 148 8.54 -3.24 -27.41
N ILE B 149 8.15 -4.28 -28.15
CA ILE B 149 6.87 -4.23 -28.86
C ILE B 149 5.71 -4.61 -27.94
N GLU B 150 6.01 -5.37 -26.90
CA GLU B 150 4.97 -6.06 -26.14
C GLU B 150 3.92 -5.11 -25.53
N MET B 151 2.65 -5.50 -25.62
CA MET B 151 1.53 -4.65 -25.22
C MET B 151 1.20 -4.81 -23.73
N PHE B 152 2.22 -5.10 -22.93
CA PHE B 152 2.07 -5.07 -21.50
C PHE B 152 3.26 -4.34 -20.87
N GLU B 153 3.08 -3.90 -19.62
CA GLU B 153 4.06 -3.06 -18.95
C GLU B 153 4.46 -3.69 -17.63
N LEU B 154 5.76 -3.93 -17.46
CA LEU B 154 6.29 -4.24 -16.14
C LEU B 154 6.89 -2.99 -15.54
N LEU B 155 6.46 -2.67 -14.31
CA LEU B 155 6.90 -1.44 -13.65
C LEU B 155 8.13 -1.67 -12.79
N GLU B 156 9.07 -0.74 -12.90
CA GLU B 156 10.13 -0.63 -11.91
C GLU B 156 9.55 -0.56 -10.50
N PRO B 157 9.98 -1.47 -9.64
CA PRO B 157 9.46 -1.55 -8.27
C PRO B 157 9.89 -0.33 -7.46
N ILE B 158 8.95 0.32 -6.79
CA ILE B 158 9.30 1.34 -5.82
C ILE B 158 9.83 0.71 -4.52
N ALA B 159 9.55 -0.58 -4.33
CA ALA B 159 10.19 -1.37 -3.27
C ALA B 159 10.41 -2.84 -3.63
N ASP B 160 11.48 -3.41 -3.08
CA ASP B 160 11.67 -4.85 -3.03
C ASP B 160 12.23 -5.21 -1.66
N GLY B 161 11.35 -5.63 -0.77
CA GLY B 161 11.71 -5.90 0.61
C GLY B 161 12.62 -7.11 0.76
N PHE B 162 12.64 -7.98 -0.25
CA PHE B 162 13.48 -9.17 -0.16
C PHE B 162 14.93 -8.79 -0.34
N ARG B 163 15.17 -7.58 -0.84
CA ARG B 163 16.50 -7.06 -1.02
C ARG B 163 16.68 -5.78 -0.19
N ASN B 164 15.70 -5.49 0.65
CA ASN B 164 15.73 -4.29 1.49
C ASN B 164 15.89 -3.02 0.66
N TYR B 165 15.14 -2.94 -0.44
CA TYR B 165 15.14 -1.78 -1.30
C TYR B 165 13.87 -0.94 -1.15
N ARG B 166 14.04 0.36 -0.91
CA ARG B 166 12.91 1.27 -0.76
C ARG B 166 13.21 2.52 -1.58
N ALA B 167 12.42 2.77 -2.62
CA ALA B 167 12.84 3.68 -3.68
C ALA B 167 12.89 5.12 -3.19
N ARG B 168 11.79 5.56 -2.62
CA ARG B 168 11.73 6.86 -1.96
C ARG B 168 10.69 6.75 -0.86
N LEU B 169 10.83 7.55 0.18
CA LEU B 169 9.86 7.52 1.26
C LEU B 169 8.57 8.25 0.89
N ASP B 170 7.46 7.82 1.47
CA ASP B 170 6.16 8.38 1.15
C ASP B 170 5.06 7.87 2.08
N VAL B 171 3.85 7.86 1.54
CA VAL B 171 2.65 7.52 2.29
C VAL B 171 2.69 6.07 2.78
N SER B 172 2.98 5.15 1.86
CA SER B 172 2.90 3.71 2.13
C SER B 172 4.03 3.25 3.06
N THR B 173 3.73 2.30 3.95
CA THR B 173 4.77 1.78 4.83
C THR B 173 5.60 0.71 4.15
N THR B 174 6.89 0.69 4.45
CA THR B 174 7.79 -0.34 3.97
C THR B 174 7.20 -1.75 4.14
N GLU B 175 6.68 -2.06 5.32
CA GLU B 175 6.06 -3.38 5.52
C GLU B 175 4.85 -3.63 4.61
N SER B 176 4.05 -2.61 4.32
CA SER B 176 2.93 -2.84 3.41
C SER B 176 3.39 -3.07 1.97
N LEU B 177 4.49 -2.43 1.59
CA LEU B 177 5.10 -2.67 0.29
C LEU B 177 5.77 -4.06 0.19
N LEU B 178 6.34 -4.56 1.29
CA LEU B 178 6.84 -5.92 1.30
C LEU B 178 5.71 -6.94 1.06
N ILE B 179 4.57 -6.73 1.72
CA ILE B 179 3.42 -7.62 1.56
C ILE B 179 2.88 -7.61 0.13
N ASP B 180 2.90 -6.42 -0.46
CA ASP B 180 2.49 -6.21 -1.84
C ASP B 180 3.40 -6.92 -2.84
N LYS B 181 4.70 -6.72 -2.71
CA LYS B 181 5.65 -7.54 -3.47
C LYS B 181 5.40 -9.06 -3.29
N ALA B 182 5.20 -9.52 -2.05
CA ALA B 182 5.08 -10.97 -1.78
C ALA B 182 3.89 -11.61 -2.47
N GLN B 183 2.75 -10.93 -2.42
CA GLN B 183 1.55 -11.49 -3.02
C GLN B 183 1.57 -11.42 -4.56
N GLN B 184 2.32 -10.47 -5.14
CA GLN B 184 2.57 -10.49 -6.59
C GLN B 184 3.27 -11.77 -7.01
N LEU B 185 4.27 -12.19 -6.23
CA LEU B 185 4.94 -13.48 -6.45
C LEU B 185 4.11 -14.67 -5.96
N THR B 186 2.92 -14.36 -5.42
CA THR B 186 1.97 -15.35 -4.94
C THR B 186 2.46 -16.16 -3.76
N LEU B 187 3.25 -15.52 -2.89
CA LEU B 187 3.89 -16.25 -1.81
C LEU B 187 2.94 -16.34 -0.62
N THR B 188 3.00 -17.43 0.12
CA THR B 188 2.38 -17.50 1.44
C THR B 188 3.23 -16.75 2.47
N ALA B 189 2.66 -16.52 3.65
CA ALA B 189 3.38 -15.81 4.69
C ALA B 189 4.63 -16.54 5.19
N PRO B 190 4.54 -17.86 5.38
CA PRO B 190 5.71 -18.69 5.68
C PRO B 190 6.73 -18.73 4.55
N GLU B 191 6.27 -18.65 3.30
CA GLU B 191 7.21 -18.66 2.19
C GLU B 191 7.93 -17.31 2.18
N MET B 192 7.18 -16.24 2.33
CA MET B 192 7.75 -14.92 2.44
C MET B 192 8.79 -14.91 3.54
N THR B 193 8.43 -15.50 4.67
CA THR B 193 9.28 -15.48 5.86
C THR B 193 10.64 -16.18 5.64
N ALA B 194 10.60 -17.40 5.11
CA ALA B 194 11.84 -18.13 4.86
C ALA B 194 12.74 -17.40 3.84
N LEU B 195 12.12 -16.84 2.80
CA LEU B 195 12.86 -16.13 1.76
C LEU B 195 13.61 -14.90 2.27
N VAL B 196 12.93 -14.08 3.08
CA VAL B 196 13.52 -12.87 3.65
C VAL B 196 14.65 -13.22 4.64
N GLY B 197 14.37 -14.11 5.57
CA GLY B 197 15.40 -14.54 6.48
C GLY B 197 16.61 -15.15 5.79
N GLY B 198 16.37 -15.80 4.65
CA GLY B 198 17.44 -16.49 3.95
C GLY B 198 18.28 -15.51 3.16
N MET B 199 17.60 -14.64 2.43
CA MET B 199 18.27 -13.75 1.50
C MET B 199 19.11 -12.74 2.27
N ARG B 200 18.62 -12.35 3.44
CA ARG B 200 19.37 -11.48 4.35
C ARG B 200 20.76 -12.02 4.67
N VAL B 201 20.83 -13.26 5.13
CA VAL B 201 22.08 -13.82 5.60
C VAL B 201 22.90 -14.35 4.41
N LEU B 202 22.28 -14.36 3.24
CA LEU B 202 23.03 -14.67 2.02
C LEU B 202 23.72 -13.40 1.55
N GLY B 203 23.30 -12.26 2.08
CA GLY B 203 23.90 -11.00 1.73
C GLY B 203 23.33 -10.41 0.46
N ALA B 204 22.02 -10.61 0.24
CA ALA B 204 21.35 -10.17 -0.99
C ALA B 204 20.73 -8.77 -0.97
N ASN B 205 21.00 -7.97 0.06
CA ASN B 205 20.56 -6.57 0.06
C ASN B 205 21.14 -5.84 -1.16
N PHE B 206 20.29 -5.05 -1.84
CA PHE B 206 20.65 -4.54 -3.17
C PHE B 206 21.91 -3.67 -3.16
N ASP B 207 22.27 -3.13 -2.00
CA ASP B 207 23.40 -2.20 -1.90
C ASP B 207 24.43 -2.61 -0.84
N GLY B 208 24.42 -3.88 -0.45
CA GLY B 208 25.38 -4.40 0.51
C GLY B 208 25.22 -3.89 1.93
N SER B 209 24.05 -3.36 2.24
CA SER B 209 23.76 -2.87 3.59
C SER B 209 23.70 -4.00 4.60
N LYS B 210 23.98 -3.68 5.87
CA LYS B 210 23.90 -4.66 6.94
C LYS B 210 22.50 -4.75 7.54
N ASN B 211 21.59 -3.89 7.09
CA ASN B 211 20.26 -3.88 7.69
C ASN B 211 19.63 -5.26 7.58
N GLY B 212 19.22 -5.82 8.71
CA GLY B 212 18.45 -7.05 8.70
C GLY B 212 19.41 -8.22 8.55
N VAL B 213 20.68 -7.90 8.36
CA VAL B 213 21.70 -8.91 8.19
C VAL B 213 22.11 -9.47 9.56
N PHE B 214 21.22 -10.30 10.14
CA PHE B 214 21.36 -10.75 11.52
C PHE B 214 22.20 -12.05 11.60
N THR B 215 23.48 -11.95 11.33
CA THR B 215 24.35 -13.11 11.32
C THR B 215 25.79 -12.66 11.38
N ASP B 216 26.64 -13.46 12.04
CA ASP B 216 28.07 -13.25 11.96
C ASP B 216 28.72 -14.07 10.84
N ARG B 217 27.89 -14.66 9.97
CA ARG B 217 28.42 -15.51 8.89
C ARG B 217 27.66 -15.35 7.58
N VAL B 218 27.86 -14.20 6.93
CA VAL B 218 27.18 -13.88 5.68
C VAL B 218 27.69 -14.81 4.59
N GLY B 219 26.80 -15.25 3.71
CA GLY B 219 27.17 -16.18 2.67
C GLY B 219 26.85 -17.62 3.03
N VAL B 220 26.49 -17.84 4.30
CA VAL B 220 26.12 -19.17 4.76
C VAL B 220 24.63 -19.25 5.00
N LEU B 221 24.00 -20.30 4.49
CA LEU B 221 22.57 -20.44 4.58
C LEU B 221 22.18 -21.05 5.92
N SER B 222 21.95 -20.19 6.91
CA SER B 222 21.54 -20.64 8.22
C SER B 222 20.20 -20.00 8.61
N ASN B 223 19.68 -20.39 9.77
CA ASN B 223 18.55 -19.69 10.37
C ASN B 223 18.97 -18.58 11.36
N ASP B 224 20.18 -18.04 11.21
CA ASP B 224 20.63 -16.96 12.08
C ASP B 224 19.68 -15.76 12.11
N PHE B 225 19.06 -15.43 10.99
CA PHE B 225 18.14 -14.28 10.99
C PHE B 225 17.13 -14.39 12.13
N PHE B 226 16.52 -15.57 12.25
CA PHE B 226 15.41 -15.79 13.16
C PHE B 226 15.89 -15.94 14.61
N VAL B 227 17.01 -16.65 14.78
CA VAL B 227 17.65 -16.81 16.08
C VAL B 227 17.92 -15.46 16.75
N ASN B 228 18.52 -14.54 16.01
CA ASN B 228 18.90 -13.25 16.56
C ASN B 228 17.69 -12.33 16.72
N LEU B 229 16.82 -12.29 15.72
CA LEU B 229 15.65 -11.43 15.76
C LEU B 229 14.81 -11.67 17.02
N LEU B 230 14.75 -12.91 17.48
CA LEU B 230 13.84 -13.22 18.59
C LEU B 230 14.58 -13.35 19.91
N ASP B 231 15.89 -13.16 19.86
CA ASP B 231 16.73 -13.16 21.05
C ASP B 231 16.35 -12.05 22.01
N MET B 232 15.83 -12.39 23.19
CA MET B 232 15.35 -11.38 24.11
C MET B 232 16.49 -10.53 24.70
N ARG B 233 17.73 -10.92 24.43
CA ARG B 233 18.86 -10.12 24.89
C ARG B 233 18.95 -8.73 24.23
N TYR B 234 18.33 -8.58 23.05
CA TYR B 234 18.35 -7.30 22.34
C TYR B 234 17.10 -6.45 22.61
N GLU B 235 17.30 -5.13 22.63
CA GLU B 235 16.21 -4.18 22.72
C GLU B 235 16.28 -3.30 21.48
N TRP B 236 15.13 -3.09 20.84
CA TRP B 236 15.08 -2.45 19.52
C TRP B 236 14.48 -1.05 19.60
N LYS B 237 15.08 -0.12 18.86
CA LYS B 237 14.82 1.30 19.03
C LYS B 237 15.02 2.04 17.72
N ALA B 238 14.05 2.89 17.36
CA ALA B 238 14.15 3.73 16.18
C ALA B 238 15.29 4.71 16.34
N THR B 239 15.97 5.01 15.24
CA THR B 239 17.02 6.02 15.24
C THR B 239 16.47 7.45 15.21
N ASP B 240 15.24 7.61 14.72
CA ASP B 240 14.69 8.95 14.56
C ASP B 240 13.18 9.00 14.34
N GLU B 241 12.70 10.15 13.87
CA GLU B 241 11.27 10.43 13.84
C GLU B 241 10.52 9.62 12.79
N SER B 242 11.19 9.30 11.69
CA SER B 242 10.61 8.52 10.61
C SER B 242 10.27 7.08 11.05
N LYS B 243 11.03 6.56 12.01
CA LYS B 243 10.87 5.17 12.42
C LYS B 243 11.06 4.24 11.24
N GLU B 244 12.04 4.58 10.40
CA GLU B 244 12.39 3.77 9.23
C GLU B 244 13.59 2.89 9.54
N LEU B 245 14.42 3.32 10.49
CA LEU B 245 15.66 2.65 10.82
C LEU B 245 15.66 2.28 12.30
N PHE B 246 16.20 1.11 12.63
CA PHE B 246 16.21 0.65 14.02
C PHE B 246 17.60 0.15 14.43
N GLU B 247 17.94 0.35 15.69
CA GLU B 247 19.15 -0.21 16.27
C GLU B 247 18.77 -1.32 17.26
N GLY B 248 19.47 -2.44 17.16
CA GLY B 248 19.30 -3.56 18.08
C GLY B 248 20.41 -3.57 19.11
N ARG B 249 20.07 -3.26 20.36
CA ARG B 249 21.06 -2.99 21.39
C ARG B 249 21.13 -4.12 22.41
N ASP B 250 22.34 -4.57 22.72
CA ASP B 250 22.58 -5.45 23.86
C ASP B 250 21.97 -4.85 25.13
N ARG B 251 21.16 -5.63 25.83
CA ARG B 251 20.42 -5.11 26.98
C ARG B 251 21.32 -4.85 28.18
N GLU B 252 22.53 -5.41 28.16
CA GLU B 252 23.45 -5.21 29.28
C GLU B 252 24.62 -4.26 29.01
N THR B 253 25.18 -4.29 27.80
CA THR B 253 26.34 -3.48 27.49
C THR B 253 26.00 -2.17 26.78
N GLY B 254 24.76 -2.04 26.32
CA GLY B 254 24.34 -0.89 25.52
C GLY B 254 24.91 -0.90 24.11
N GLU B 255 25.68 -1.95 23.83
CA GLU B 255 26.34 -2.12 22.55
C GLU B 255 25.32 -2.37 21.42
N VAL B 256 25.46 -1.64 20.32
CA VAL B 256 24.57 -1.81 19.18
C VAL B 256 25.07 -2.94 18.28
N LYS B 257 24.35 -4.04 18.25
CA LYS B 257 24.83 -5.21 17.53
C LYS B 257 24.24 -5.30 16.11
N PHE B 258 23.04 -4.78 15.93
CA PHE B 258 22.35 -4.87 14.65
C PHE B 258 21.61 -3.58 14.31
N THR B 259 21.47 -3.32 13.02
CA THR B 259 20.51 -2.33 12.53
C THR B 259 19.48 -3.05 11.69
N ALA B 260 18.28 -2.48 11.61
CA ALA B 260 17.20 -3.06 10.84
C ALA B 260 16.29 -1.98 10.26
N SER B 261 15.72 -2.26 9.08
CA SER B 261 14.55 -1.54 8.60
C SER B 261 13.27 -2.19 9.13
N ARG B 262 12.14 -1.57 8.78
CA ARG B 262 10.81 -2.06 9.12
C ARG B 262 10.48 -3.40 8.47
N ALA B 263 10.99 -3.66 7.27
CA ALA B 263 10.78 -4.96 6.63
C ALA B 263 11.46 -6.12 7.36
N ASP B 264 12.51 -5.85 8.13
CA ASP B 264 13.13 -6.90 8.96
C ASP B 264 12.34 -7.13 10.26
N LEU B 265 12.01 -6.05 10.96
CA LEU B 265 11.43 -6.18 12.27
C LEU B 265 9.98 -6.66 12.25
N VAL B 266 9.28 -6.47 11.14
CA VAL B 266 7.87 -6.87 11.08
C VAL B 266 7.75 -8.38 11.29
N PHE B 267 8.80 -9.11 10.94
CA PHE B 267 8.79 -10.57 11.11
C PHE B 267 8.73 -10.98 12.58
N GLY B 268 9.16 -10.09 13.48
CA GLY B 268 8.96 -10.31 14.89
C GLY B 268 7.83 -9.48 15.49
N SER B 269 7.06 -8.79 14.66
CA SER B 269 6.10 -7.81 15.18
C SER B 269 4.66 -8.02 14.72
N ASN B 270 4.43 -9.02 13.86
CA ASN B 270 3.09 -9.44 13.50
C ASN B 270 2.93 -10.86 14.03
N SER B 271 1.80 -11.13 14.67
CA SER B 271 1.56 -12.42 15.33
C SER B 271 1.81 -13.61 14.40
N VAL B 272 1.12 -13.63 13.27
CA VAL B 272 1.27 -14.73 12.32
C VAL B 272 2.72 -14.92 11.86
N LEU B 273 3.36 -13.86 11.38
CA LEU B 273 4.73 -14.00 10.91
C LEU B 273 5.60 -14.50 12.05
N ARG B 274 5.39 -13.94 13.24
CA ARG B 274 6.23 -14.25 14.38
C ARG B 274 6.10 -15.71 14.83
N ALA B 275 4.94 -16.30 14.57
CA ALA B 275 4.73 -17.73 14.80
C ALA B 275 5.58 -18.58 13.85
N VAL B 276 5.78 -18.11 12.63
CA VAL B 276 6.66 -18.81 11.71
C VAL B 276 8.11 -18.61 12.15
N ALA B 277 8.40 -17.38 12.56
CA ALA B 277 9.74 -17.03 12.99
C ALA B 277 10.15 -17.86 14.19
N GLU B 278 9.22 -18.16 15.08
CA GLU B 278 9.53 -18.97 16.26
C GLU B 278 10.00 -20.35 15.84
N VAL B 279 9.34 -20.94 14.86
CA VAL B 279 9.74 -22.26 14.38
C VAL B 279 11.15 -22.27 13.83
N TYR B 280 11.51 -21.24 13.06
CA TYR B 280 12.82 -21.18 12.43
C TYR B 280 13.89 -20.83 13.46
N ALA B 281 13.49 -20.15 14.53
CA ALA B 281 14.44 -19.70 15.55
C ALA B 281 14.78 -20.82 16.54
N SER B 282 14.02 -21.90 16.48
CA SER B 282 14.10 -22.95 17.48
C SER B 282 15.37 -23.77 17.34
N SER B 283 15.89 -24.24 18.46
CA SER B 283 16.98 -25.21 18.49
C SER B 283 16.79 -26.31 17.46
N ASP B 284 17.80 -26.53 16.64
CA ASP B 284 17.75 -27.66 15.72
C ASP B 284 16.73 -27.45 14.59
N ALA B 285 16.29 -26.21 14.39
CA ALA B 285 15.39 -25.91 13.28
C ALA B 285 16.12 -25.74 11.95
N HIS B 286 17.44 -25.82 11.98
CA HIS B 286 18.27 -25.49 10.81
C HIS B 286 17.91 -26.30 9.55
N GLU B 287 17.75 -27.61 9.71
CA GLU B 287 17.32 -28.48 8.59
C GLU B 287 15.97 -28.05 8.00
N LYS B 288 14.96 -27.87 8.84
CA LYS B 288 13.67 -27.42 8.31
C LYS B 288 13.73 -26.07 7.62
N PHE B 289 14.49 -25.13 8.17
CA PHE B 289 14.55 -23.81 7.56
C PHE B 289 15.12 -23.93 6.16
N VAL B 290 16.24 -24.63 6.03
CA VAL B 290 16.89 -24.81 4.75
C VAL B 290 15.95 -25.46 3.73
N LYS B 291 15.20 -26.47 4.16
CA LYS B 291 14.25 -27.14 3.27
C LYS B 291 13.14 -26.19 2.83
N ASP B 292 12.70 -25.33 3.74
CA ASP B 292 11.66 -24.36 3.41
C ASP B 292 12.19 -23.26 2.47
N PHE B 293 13.40 -22.79 2.71
CA PHE B 293 13.94 -21.75 1.82
C PHE B 293 14.04 -22.30 0.40
N VAL B 294 14.57 -23.50 0.25
CA VAL B 294 14.74 -24.10 -1.07
C VAL B 294 13.40 -24.23 -1.81
N ALA B 295 12.35 -24.64 -1.11
CA ALA B 295 11.07 -24.86 -1.79
C ALA B 295 10.45 -23.52 -2.24
N ALA B 296 10.49 -22.54 -1.36
CA ALA B 296 10.12 -21.17 -1.69
C ALA B 296 10.94 -20.57 -2.85
N TRP B 297 12.24 -20.77 -2.81
CA TRP B 297 13.13 -20.24 -3.84
C TRP B 297 12.80 -20.88 -5.18
N VAL B 298 12.75 -22.21 -5.23
CA VAL B 298 12.38 -22.92 -6.45
C VAL B 298 10.97 -22.55 -6.94
N LYS B 299 10.05 -22.28 -6.02
CA LYS B 299 8.75 -21.77 -6.41
C LYS B 299 8.86 -20.44 -7.17
N VAL B 300 9.66 -19.51 -6.65
CA VAL B 300 9.79 -18.21 -7.30
C VAL B 300 10.42 -18.36 -8.68
N MET B 301 11.53 -19.10 -8.74
CA MET B 301 12.20 -19.34 -10.02
C MET B 301 11.25 -19.88 -11.09
N ASN B 302 10.23 -20.64 -10.69
CA ASN B 302 9.37 -21.36 -11.66
C ASN B 302 7.98 -20.75 -11.86
N LEU B 303 7.76 -19.55 -11.36
CA LEU B 303 6.43 -18.97 -11.37
C LEU B 303 5.79 -18.90 -12.75
N ASP B 304 6.61 -18.57 -13.76
CA ASP B 304 6.08 -18.28 -15.09
C ASP B 304 6.26 -19.47 -16.02
N ARG B 305 6.62 -20.62 -15.46
CA ARG B 305 6.96 -21.77 -16.26
C ARG B 305 5.72 -22.54 -16.73
N PHE B 306 4.85 -21.88 -17.51
CA PHE B 306 3.61 -22.51 -17.96
C PHE B 306 3.81 -23.54 -19.06
N ASP B 307 4.90 -23.41 -19.82
CA ASP B 307 5.30 -24.46 -20.75
C ASP B 307 5.57 -25.82 -20.07
N LEU B 308 5.43 -25.89 -18.76
CA LEU B 308 5.75 -27.13 -18.04
C LEU B 308 4.50 -27.72 -17.42
N LEU B 309 3.35 -27.12 -17.71
CA LEU B 309 2.06 -27.63 -17.26
C LEU B 309 2.09 -28.02 -15.77
#